data_3AA0
#
_entry.id   3AA0
#
_cell.length_a   54.814
_cell.length_b   67.921
_cell.length_c   137.086
_cell.angle_alpha   90.00
_cell.angle_beta   90.00
_cell.angle_gamma   90.00
#
_symmetry.space_group_name_H-M   'P 21 21 21'
#
loop_
_entity.id
_entity.type
_entity.pdbx_description
1 polymer 'F-actin-capping protein subunit alpha-1'
2 polymer 'F-actin-capping protein subunit beta isoforms 1 and 2'
3 polymer '21mer peptide from Leucine-rich repeat-containing protein 16A'
4 non-polymer 'CARBONATE ION'
5 water water
#
loop_
_entity_poly.entity_id
_entity_poly.type
_entity_poly.pdbx_seq_one_letter_code
_entity_poly.pdbx_strand_id
1 'polypeptide(L)'
;MADFEDRVSDEEKVRIAAKFITHAPPGEFNEVFNDVRLLLNNDNLLREGAAHAFAQYNMDQFTPVKIEGYDDQVLITEHG
DLGNGRFLDPRNKISFKFDHLRKEASDPQPEDTESALKQWRDACDSALRAYVKDHYPNGFCTVYGKSIDGQQTIIACIES
HQFQPKNFWNGRWRSEWKFTITPPTAQVAAVLKIQVHYYEDGNVQLVSHKDIQDSVQVSSDVQTAKEFIKIIENAENEYQ
TAISENYQTMSDTTFKALRRQLPVTRTKIDWNKILSYKIGKEMQNA
;
A
2 'polypeptide(L)'
;MSDQQLDCALDLMRRLPPQQIEKNLSDLIDLVPSLCEDLLSSVDQPLKIARDKVVGKDYLLCDYNRDGDSYRSPWSNKYD
PPLEDGAMPSARLRKLEVEANNAFDQYRDLYFEGGVSSVYLWDLDHGFAGVILIKKAGDGSKKIKGCWDSIHVVEVQEKS
SGRTAHYKLTSTVMLWLQTNKTGSGTMNLGGSLTRQMEKDETVSDSSPHIANIGRLVEDMENKIRSTLNEIYFGKTKDIV
NGLR
;
B
3 'polypeptide(L)' RLEHFTKLRPKRNKKQQPTQA C
#
loop_
_chem_comp.id
_chem_comp.type
_chem_comp.name
_chem_comp.formula
CO3 non-polymer 'CARBONATE ION' 'C O3 -2'
#
# COMPACT_ATOMS: atom_id res chain seq x y z
N ARG A 7 26.84 -13.36 0.38
CA ARG A 7 25.79 -12.32 0.51
CA ARG A 7 25.83 -12.29 0.56
C ARG A 7 24.71 -12.76 1.51
N VAL A 8 23.49 -13.00 1.00
CA VAL A 8 22.33 -13.37 1.85
C VAL A 8 22.14 -14.89 1.98
N SER A 9 22.02 -15.41 3.20
CA SER A 9 21.88 -16.87 3.42
C SER A 9 20.58 -17.43 2.83
N ASP A 10 20.59 -18.72 2.51
CA ASP A 10 19.40 -19.36 1.96
C ASP A 10 18.28 -19.29 2.99
N GLU A 11 18.61 -19.48 4.27
CA GLU A 11 17.61 -19.44 5.32
C GLU A 11 16.96 -18.04 5.46
N GLU A 12 17.75 -16.99 5.28
CA GLU A 12 17.22 -15.61 5.20
C GLU A 12 16.35 -15.40 3.96
N LYS A 13 16.80 -15.93 2.82
CA LYS A 13 16.03 -15.75 1.58
C LYS A 13 14.64 -16.35 1.71
N VAL A 14 14.57 -17.55 2.25
CA VAL A 14 13.27 -18.18 2.37
C VAL A 14 12.42 -17.57 3.51
N ARG A 15 13.06 -17.00 4.53
CA ARG A 15 12.33 -16.21 5.52
C ARG A 15 11.62 -15.02 4.82
N ILE A 16 12.35 -14.33 3.96
CA ILE A 16 11.82 -13.18 3.25
C ILE A 16 10.71 -13.67 2.33
N ALA A 17 10.94 -14.80 1.65
CA ALA A 17 9.94 -15.37 0.76
C ALA A 17 8.66 -15.68 1.51
N ALA A 18 8.83 -16.25 2.71
CA ALA A 18 7.68 -16.59 3.56
C ALA A 18 6.95 -15.32 4.03
N LYS A 19 7.73 -14.30 4.40
CA LYS A 19 7.16 -13.01 4.80
C LYS A 19 6.30 -12.41 3.67
N PHE A 20 6.85 -12.36 2.45
CA PHE A 20 6.06 -11.82 1.34
C PHE A 20 4.79 -12.60 1.13
N ILE A 21 4.88 -13.93 1.18
CA ILE A 21 3.70 -14.75 0.92
C ILE A 21 2.60 -14.42 1.92
N THR A 22 2.98 -14.20 3.18
CA THR A 22 2.03 -13.87 4.23
C THR A 22 1.50 -12.45 4.12
N HIS A 23 2.13 -11.63 3.30
CA HIS A 23 1.72 -10.25 3.19
C HIS A 23 0.95 -10.00 1.88
N ALA A 24 0.52 -11.08 1.22
CA ALA A 24 -0.32 -10.97 0.06
C ALA A 24 -1.65 -10.24 0.40
N PRO A 25 -2.06 -9.29 -0.45
CA PRO A 25 -3.34 -8.65 -0.18
C PRO A 25 -4.49 -9.63 -0.39
N PRO A 26 -5.68 -9.27 0.12
CA PRO A 26 -6.81 -10.21 -0.03
C PRO A 26 -7.11 -10.53 -1.50
N GLY A 27 -7.31 -11.83 -1.79
CA GLY A 27 -7.63 -12.29 -3.14
C GLY A 27 -6.45 -12.37 -4.09
N GLU A 28 -5.25 -12.08 -3.60
CA GLU A 28 -4.07 -12.08 -4.47
C GLU A 28 -2.97 -13.01 -3.97
N PHE A 29 -3.35 -14.05 -3.21
CA PHE A 29 -2.36 -14.99 -2.71
C PHE A 29 -1.57 -15.69 -3.83
N ASN A 30 -2.27 -16.19 -4.83
CA ASN A 30 -1.58 -16.98 -5.86
C ASN A 30 -0.58 -16.13 -6.65
N GLU A 31 -0.93 -14.87 -6.90
CA GLU A 31 -0.04 -14.02 -7.72
C GLU A 31 1.24 -13.71 -6.96
N VAL A 32 1.11 -13.43 -5.64
CA VAL A 32 2.27 -13.15 -4.82
C VAL A 32 3.11 -14.44 -4.75
N PHE A 33 2.42 -15.58 -4.55
CA PHE A 33 3.14 -16.82 -4.40
C PHE A 33 3.94 -17.10 -5.67
N ASN A 34 3.31 -16.93 -6.84
CA ASN A 34 4.03 -17.22 -8.10
C ASN A 34 5.20 -16.29 -8.33
N ASP A 35 5.04 -15.01 -7.94
CA ASP A 35 6.15 -14.04 -8.01
C ASP A 35 7.28 -14.49 -7.12
N VAL A 36 6.97 -14.86 -5.86
CA VAL A 36 8.02 -15.23 -4.94
C VAL A 36 8.75 -16.50 -5.41
N ARG A 37 7.98 -17.45 -5.92
CA ARG A 37 8.56 -18.70 -6.47
C ARG A 37 9.61 -18.46 -7.55
N LEU A 38 9.29 -17.60 -8.52
CA LEU A 38 10.22 -17.31 -9.61
C LEU A 38 11.45 -16.53 -9.16
N LEU A 39 11.25 -15.66 -8.17
CA LEU A 39 12.33 -14.89 -7.58
C LEU A 39 13.34 -15.72 -6.78
N LEU A 40 12.84 -16.62 -5.96
CA LEU A 40 13.67 -17.51 -5.18
C LEU A 40 14.37 -18.53 -6.07
N ASN A 41 13.67 -18.97 -7.13
CA ASN A 41 14.28 -19.79 -8.21
C ASN A 41 14.95 -21.01 -7.59
N ASN A 42 14.31 -21.55 -6.56
CA ASN A 42 14.82 -22.73 -5.83
C ASN A 42 13.62 -23.44 -5.21
N ASP A 43 12.94 -24.25 -6.04
CA ASP A 43 11.67 -24.83 -5.67
C ASP A 43 11.80 -25.69 -4.40
N ASN A 44 12.90 -26.41 -4.27
CA ASN A 44 13.07 -27.25 -3.09
C ASN A 44 13.37 -26.47 -1.82
N LEU A 45 14.01 -25.32 -1.95
CA LEU A 45 14.18 -24.42 -0.81
C LEU A 45 12.84 -23.81 -0.35
N LEU A 46 12.03 -23.34 -1.29
CA LEU A 46 10.73 -22.74 -0.99
C LEU A 46 9.79 -23.70 -0.26
N ARG A 47 9.80 -24.97 -0.66
CA ARG A 47 8.91 -25.95 -0.02
C ARG A 47 9.25 -26.16 1.45
N GLU A 48 10.54 -26.31 1.72
CA GLU A 48 11.06 -26.44 3.07
C GLU A 48 10.67 -25.22 3.93
N GLY A 49 11.28 -24.07 3.62
CA GLY A 49 11.21 -22.89 4.50
C GLY A 49 9.94 -22.04 4.56
N ALA A 50 9.00 -22.28 3.65
CA ALA A 50 7.78 -21.46 3.57
C ALA A 50 6.51 -22.30 3.61
N ALA A 51 6.58 -23.46 4.25
CA ALA A 51 5.43 -24.35 4.38
C ALA A 51 4.40 -23.68 5.28
N HIS A 52 4.87 -23.26 6.43
CA HIS A 52 4.09 -22.56 7.43
C HIS A 52 3.34 -21.33 6.87
N ALA A 53 3.84 -20.77 5.76
CA ALA A 53 3.35 -19.48 5.27
C ALA A 53 1.93 -19.55 4.77
N PHE A 54 1.61 -20.63 4.05
CA PHE A 54 0.29 -20.86 3.51
C PHE A 54 -0.71 -20.95 4.69
N ALA A 55 -0.40 -21.80 5.67
CA ALA A 55 -1.30 -21.94 6.86
C ALA A 55 -1.43 -20.62 7.62
N GLN A 56 -0.33 -19.89 7.78
CA GLN A 56 -0.35 -18.65 8.48
C GLN A 56 -1.24 -17.64 7.78
N TYR A 57 -1.09 -17.55 6.44
CA TYR A 57 -1.94 -16.64 5.63
C TYR A 57 -3.43 -17.01 5.81
N ASN A 58 -3.74 -18.29 5.69
CA ASN A 58 -5.17 -18.69 5.76
C ASN A 58 -5.79 -18.41 7.11
N MET A 59 -5.04 -18.64 8.18
CA MET A 59 -5.56 -18.37 9.50
C MET A 59 -5.64 -16.87 9.80
N ASP A 60 -4.65 -16.10 9.34
CA ASP A 60 -4.65 -14.64 9.53
C ASP A 60 -5.85 -13.98 8.84
N GLN A 61 -6.20 -14.48 7.65
CA GLN A 61 -7.19 -13.84 6.80
C GLN A 61 -8.61 -14.33 7.04
N PHE A 62 -8.78 -15.24 8.02
CA PHE A 62 -10.12 -15.81 8.30
C PHE A 62 -10.73 -16.44 7.05
N THR A 63 -9.93 -17.22 6.32
CA THR A 63 -10.41 -17.81 5.09
C THR A 63 -11.67 -18.64 5.29
N PRO A 64 -12.74 -18.30 4.57
CA PRO A 64 -13.95 -19.10 4.70
C PRO A 64 -13.89 -20.32 3.78
N VAL A 65 -14.37 -21.44 4.30
CA VAL A 65 -14.39 -22.69 3.52
C VAL A 65 -15.73 -23.43 3.68
N LYS A 66 -16.18 -24.03 2.59
CA LYS A 66 -17.36 -24.89 2.59
C LYS A 66 -16.99 -26.36 2.85
N ILE A 67 -17.68 -26.98 3.80
CA ILE A 67 -17.51 -28.40 4.04
C ILE A 67 -18.76 -29.04 3.44
N GLU A 68 -18.58 -29.89 2.43
CA GLU A 68 -19.74 -30.47 1.76
C GLU A 68 -20.66 -31.20 2.75
N GLY A 69 -21.95 -30.88 2.69
CA GLY A 69 -22.94 -31.50 3.56
C GLY A 69 -23.41 -30.62 4.71
N TYR A 70 -22.67 -29.55 4.98
CA TYR A 70 -23.06 -28.67 6.05
C TYR A 70 -23.40 -27.28 5.53
N ASP A 71 -24.44 -26.69 6.11
CA ASP A 71 -24.92 -25.37 5.74
C ASP A 71 -23.87 -24.32 6.07
N ASP A 72 -23.88 -23.27 5.26
CA ASP A 72 -22.97 -22.15 5.39
C ASP A 72 -21.50 -22.60 5.36
N GLN A 73 -20.61 -21.76 5.87
CA GLN A 73 -19.19 -21.97 5.77
C GLN A 73 -18.55 -21.77 7.14
N VAL A 74 -17.35 -22.29 7.32
CA VAL A 74 -16.60 -22.11 8.55
C VAL A 74 -15.33 -21.31 8.20
N LEU A 75 -14.86 -20.53 9.16
CA LEU A 75 -13.60 -19.77 8.99
C LEU A 75 -12.40 -20.56 9.45
N ILE A 76 -11.29 -20.43 8.69
CA ILE A 76 -10.01 -20.96 9.12
C ILE A 76 -9.38 -19.89 9.96
N THR A 77 -9.14 -20.19 11.25
CA THR A 77 -8.55 -19.25 12.19
C THR A 77 -7.63 -19.98 13.17
N GLU A 78 -6.75 -19.22 13.83
CA GLU A 78 -5.85 -19.77 14.89
C GLU A 78 -6.66 -20.48 15.98
N HIS A 79 -7.89 -20.03 16.20
CA HIS A 79 -8.73 -20.58 17.28
C HIS A 79 -9.22 -21.99 16.98
N GLY A 80 -9.31 -22.29 15.69
CA GLY A 80 -9.78 -23.57 15.22
C GLY A 80 -8.69 -24.58 14.90
N ASP A 81 -7.43 -24.16 14.99
CA ASP A 81 -6.29 -25.01 14.59
C ASP A 81 -6.16 -26.13 15.61
N LEU A 82 -6.31 -27.35 15.14
CA LEU A 82 -6.21 -28.53 16.00
C LEU A 82 -4.83 -29.18 15.92
N GLY A 83 -3.96 -28.68 15.05
CA GLY A 83 -2.69 -29.34 14.76
C GLY A 83 -2.82 -30.34 13.62
N ASN A 84 -1.69 -30.64 12.97
CA ASN A 84 -1.63 -31.66 11.93
C ASN A 84 -2.59 -31.46 10.77
N GLY A 85 -2.80 -30.20 10.37
CA GLY A 85 -3.59 -29.87 9.21
C GLY A 85 -5.09 -29.95 9.39
N ARG A 86 -5.54 -30.16 10.64
CA ARG A 86 -6.98 -30.21 10.91
C ARG A 86 -7.49 -28.97 11.66
N PHE A 87 -8.76 -28.66 11.41
CA PHE A 87 -9.40 -27.50 12.03
C PHE A 87 -10.75 -27.87 12.61
N LEU A 88 -11.15 -27.13 13.64
CA LEU A 88 -12.46 -27.29 14.26
C LEU A 88 -13.56 -26.51 13.53
N ASP A 89 -14.71 -27.14 13.30
CA ASP A 89 -15.94 -26.43 12.99
C ASP A 89 -16.83 -26.54 14.25
N PRO A 90 -16.82 -25.51 15.11
CA PRO A 90 -17.48 -25.57 16.43
C PRO A 90 -19.01 -25.53 16.36
N ARG A 91 -19.56 -25.20 15.20
CA ARG A 91 -21.00 -25.19 14.99
C ARG A 91 -21.48 -26.61 14.71
N ASN A 92 -20.77 -27.32 13.83
CA ASN A 92 -21.18 -28.66 13.40
C ASN A 92 -20.53 -29.77 14.21
N LYS A 93 -19.77 -29.37 15.22
CA LYS A 93 -19.00 -30.22 16.15
C LYS A 93 -18.22 -31.32 15.43
N ILE A 94 -17.43 -30.88 14.45
CA ILE A 94 -16.61 -31.76 13.66
C ILE A 94 -15.23 -31.13 13.51
N SER A 95 -14.24 -31.96 13.25
CA SER A 95 -12.95 -31.47 12.74
C SER A 95 -12.91 -31.85 11.29
N PHE A 96 -12.09 -31.15 10.51
CA PHE A 96 -11.92 -31.50 9.12
C PHE A 96 -10.48 -31.24 8.75
N LYS A 97 -10.03 -31.89 7.69
CA LYS A 97 -8.70 -31.64 7.18
C LYS A 97 -8.78 -30.46 6.21
N PHE A 98 -7.84 -29.54 6.31
CA PHE A 98 -7.83 -28.38 5.43
C PHE A 98 -6.57 -28.37 4.62
N ASP A 99 -6.75 -28.33 3.29
CA ASP A 99 -5.64 -28.22 2.33
C ASP A 99 -5.35 -26.73 2.13
N HIS A 100 -4.25 -26.25 2.72
CA HIS A 100 -3.91 -24.83 2.64
C HIS A 100 -3.52 -24.31 1.24
N LEU A 101 -3.09 -25.19 0.35
CA LEU A 101 -2.82 -24.79 -1.04
C LEU A 101 -4.10 -24.68 -1.87
N ARG A 102 -4.90 -25.73 -1.83
CA ARG A 102 -6.12 -25.77 -2.63
C ARG A 102 -7.30 -25.07 -1.97
N LYS A 103 -7.15 -24.69 -0.70
CA LYS A 103 -8.23 -24.05 0.09
C LYS A 103 -9.50 -24.94 0.10
N GLU A 104 -9.33 -26.21 0.46
CA GLU A 104 -10.40 -27.21 0.39
C GLU A 104 -10.46 -28.03 1.67
N ALA A 105 -11.68 -28.26 2.15
CA ALA A 105 -11.87 -29.03 3.38
C ALA A 105 -12.23 -30.46 3.00
N SER A 106 -11.77 -31.44 3.78
CA SER A 106 -12.09 -32.85 3.56
C SER A 106 -12.15 -33.65 4.88
N ASP A 107 -12.56 -34.91 4.77
CA ASP A 107 -12.52 -35.84 5.91
C ASP A 107 -13.14 -35.30 7.22
N PRO A 108 -14.42 -34.88 7.19
CA PRO A 108 -15.06 -34.47 8.45
C PRO A 108 -15.21 -35.62 9.44
N GLN A 109 -14.94 -35.34 10.70
CA GLN A 109 -15.02 -36.35 11.75
C GLN A 109 -15.60 -35.70 12.98
N PRO A 110 -16.44 -36.43 13.72
CA PRO A 110 -16.93 -35.91 14.99
C PRO A 110 -15.79 -35.45 15.89
N GLU A 111 -16.02 -34.34 16.58
CA GLU A 111 -15.05 -33.74 17.48
C GLU A 111 -15.82 -32.94 18.51
N ASP A 112 -15.55 -33.21 19.77
CA ASP A 112 -15.88 -32.20 20.79
C ASP A 112 -14.69 -31.79 21.63
N THR A 113 -14.68 -30.53 22.04
CA THR A 113 -13.46 -29.94 22.62
C THR A 113 -13.60 -29.61 24.11
N GLU A 114 -14.66 -28.88 24.47
CA GLU A 114 -14.98 -28.52 25.86
C GLU A 114 -16.47 -28.24 25.97
N SER A 115 -17.09 -28.59 27.09
CA SER A 115 -18.52 -28.35 27.17
C SER A 115 -19.07 -27.45 28.26
N ALA A 116 -18.20 -26.86 29.08
CA ALA A 116 -18.65 -25.79 29.96
C ALA A 116 -19.49 -24.75 29.17
N LEU A 117 -19.02 -24.40 27.96
CA LEU A 117 -19.66 -23.33 27.18
C LEU A 117 -20.51 -23.78 25.99
N LYS A 118 -20.87 -25.07 25.91
CA LYS A 118 -21.66 -25.56 24.77
C LYS A 118 -22.92 -24.71 24.50
N GLN A 119 -23.72 -24.49 25.54
CA GLN A 119 -24.97 -23.75 25.40
C GLN A 119 -24.73 -22.27 25.08
N TRP A 120 -23.78 -21.66 25.78
CA TRP A 120 -23.44 -20.23 25.51
C TRP A 120 -22.92 -20.06 24.10
N ARG A 121 -22.09 -21.00 23.65
CA ARG A 121 -21.50 -20.90 22.31
C ARG A 121 -22.58 -21.04 21.22
N ASP A 122 -23.51 -21.96 21.44
CA ASP A 122 -24.60 -22.14 20.52
C ASP A 122 -25.53 -20.92 20.49
N ALA A 123 -25.83 -20.35 21.66
CA ALA A 123 -26.70 -19.13 21.72
C ALA A 123 -26.04 -17.96 20.99
N CYS A 124 -24.75 -17.80 21.26
CA CYS A 124 -23.96 -16.72 20.62
C CYS A 124 -23.83 -16.94 19.12
N ASP A 125 -23.53 -18.16 18.72
CA ASP A 125 -23.50 -18.51 17.29
C ASP A 125 -24.80 -18.19 16.59
N SER A 126 -25.93 -18.56 17.20
CA SER A 126 -27.21 -18.36 16.56
C SER A 126 -27.50 -16.86 16.35
N ALA A 127 -27.24 -16.06 17.38
CA ALA A 127 -27.45 -14.61 17.37
C ALA A 127 -26.49 -13.94 16.36
N LEU A 128 -25.23 -14.37 16.40
CA LEU A 128 -24.21 -13.75 15.51
C LEU A 128 -24.49 -14.09 14.04
N ARG A 129 -24.96 -15.31 13.77
CA ARG A 129 -25.25 -15.68 12.36
C ARG A 129 -26.25 -14.76 11.72
N ALA A 130 -27.31 -14.44 12.47
CA ALA A 130 -28.32 -13.54 11.95
C ALA A 130 -27.76 -12.15 11.78
N TYR A 131 -26.99 -11.71 12.79
CA TYR A 131 -26.35 -10.40 12.75
C TYR A 131 -25.48 -10.30 11.46
N VAL A 132 -24.67 -11.31 11.23
CA VAL A 132 -23.71 -11.22 10.10
C VAL A 132 -24.47 -11.22 8.76
N LYS A 133 -25.47 -12.09 8.61
CA LYS A 133 -26.22 -12.14 7.37
C LYS A 133 -26.95 -10.80 7.10
N ASP A 134 -27.44 -10.15 8.15
CA ASP A 134 -28.10 -8.86 8.01
C ASP A 134 -27.16 -7.69 7.69
N HIS A 135 -25.92 -7.72 8.18
CA HIS A 135 -25.05 -6.55 8.12
CA HIS A 135 -25.06 -6.55 8.11
C HIS A 135 -23.98 -6.62 7.05
N TYR A 136 -23.74 -7.80 6.49
CA TYR A 136 -22.65 -8.00 5.51
C TYR A 136 -23.27 -8.60 4.25
N PRO A 137 -22.77 -8.25 3.04
CA PRO A 137 -23.47 -8.78 1.86
C PRO A 137 -23.26 -10.30 1.74
N ASN A 138 -22.01 -10.74 1.90
CA ASN A 138 -21.67 -12.18 1.90
C ASN A 138 -20.68 -12.53 3.02
N GLY A 139 -21.07 -12.20 4.24
CA GLY A 139 -20.23 -12.43 5.40
C GLY A 139 -20.34 -13.83 5.99
N PHE A 140 -19.32 -14.23 6.71
CA PHE A 140 -19.35 -15.51 7.44
C PHE A 140 -18.86 -15.32 8.87
N CYS A 141 -19.30 -16.22 9.77
CA CYS A 141 -18.77 -16.17 11.14
C CYS A 141 -18.55 -17.55 11.72
N THR A 142 -17.68 -17.60 12.71
CA THR A 142 -17.40 -18.81 13.49
C THR A 142 -17.25 -18.38 14.94
N VAL A 143 -17.90 -19.13 15.84
CA VAL A 143 -17.86 -18.83 17.27
C VAL A 143 -17.26 -20.00 18.04
N TYR A 144 -16.22 -19.71 18.81
CA TYR A 144 -15.53 -20.71 19.62
C TYR A 144 -15.81 -20.50 21.09
N GLY A 145 -15.83 -21.59 21.85
CA GLY A 145 -15.94 -21.47 23.30
C GLY A 145 -14.79 -22.22 23.92
N LYS A 146 -13.97 -21.55 24.72
CA LYS A 146 -12.83 -22.23 25.33
C LYS A 146 -12.44 -21.62 26.65
N SER A 147 -11.84 -22.45 27.50
CA SER A 147 -11.27 -21.96 28.73
C SER A 147 -9.83 -21.50 28.45
N ILE A 148 -9.57 -20.25 28.81
CA ILE A 148 -8.26 -19.60 28.66
C ILE A 148 -7.91 -19.06 30.04
N ASP A 149 -6.78 -19.53 30.57
CA ASP A 149 -6.34 -19.23 31.94
CA ASP A 149 -6.33 -19.29 31.96
C ASP A 149 -7.46 -19.33 33.00
N GLY A 150 -8.20 -20.43 32.98
CA GLY A 150 -9.31 -20.64 33.92
C GLY A 150 -10.53 -19.77 33.69
N GLN A 151 -10.48 -18.96 32.64
CA GLN A 151 -11.58 -18.07 32.32
C GLN A 151 -12.28 -18.54 31.04
N GLN A 152 -13.58 -18.74 31.17
CA GLN A 152 -14.39 -19.19 30.07
C GLN A 152 -14.55 -18.04 29.08
N THR A 153 -14.33 -18.33 27.81
CA THR A 153 -14.25 -17.27 26.82
C THR A 153 -15.00 -17.67 25.55
N ILE A 154 -15.82 -16.76 25.04
CA ILE A 154 -16.47 -16.93 23.74
C ILE A 154 -15.68 -16.05 22.75
N ILE A 155 -15.26 -16.64 21.64
CA ILE A 155 -14.48 -15.90 20.62
C ILE A 155 -15.28 -15.90 19.34
N ALA A 156 -15.72 -14.72 18.92
CA ALA A 156 -16.53 -14.62 17.72
C ALA A 156 -15.72 -13.99 16.60
N CYS A 157 -15.64 -14.68 15.47
CA CYS A 157 -14.86 -14.22 14.31
C CYS A 157 -15.78 -13.97 13.11
N ILE A 158 -15.57 -12.85 12.42
CA ILE A 158 -16.47 -12.48 11.33
C ILE A 158 -15.54 -12.16 10.14
N GLU A 159 -15.93 -12.59 8.94
CA GLU A 159 -15.14 -12.27 7.76
C GLU A 159 -16.11 -11.82 6.68
N SER A 160 -15.68 -10.86 5.87
CA SER A 160 -16.42 -10.52 4.67
C SER A 160 -15.45 -10.02 3.62
N HIS A 161 -15.45 -10.60 2.41
CA HIS A 161 -14.54 -10.07 1.39
C HIS A 161 -15.28 -9.83 0.08
N GLN A 162 -14.64 -9.04 -0.79
CA GLN A 162 -15.16 -8.83 -2.13
C GLN A 162 -13.94 -8.81 -3.02
N PHE A 163 -13.88 -9.72 -3.99
CA PHE A 163 -12.71 -9.82 -4.86
C PHE A 163 -13.10 -9.46 -6.29
N GLN A 164 -12.52 -8.40 -6.86
CA GLN A 164 -12.82 -8.01 -8.24
C GLN A 164 -11.49 -7.75 -9.03
N PRO A 165 -10.65 -8.78 -9.16
CA PRO A 165 -9.30 -8.61 -9.75
C PRO A 165 -9.33 -8.17 -11.19
N LYS A 166 -10.41 -8.48 -11.91
CA LYS A 166 -10.52 -7.96 -13.25
C LYS A 166 -10.75 -6.45 -13.31
N ASN A 167 -11.24 -5.86 -12.21
CA ASN A 167 -11.31 -4.42 -12.04
C ASN A 167 -10.17 -3.87 -11.18
N PHE A 168 -9.17 -4.72 -10.95
CA PHE A 168 -7.96 -4.39 -10.17
C PHE A 168 -8.28 -3.92 -8.77
N TRP A 169 -9.24 -4.55 -8.09
CA TRP A 169 -9.34 -4.28 -6.66
C TRP A 169 -9.86 -5.46 -5.87
N ASN A 170 -9.48 -5.50 -4.60
CA ASN A 170 -9.99 -6.52 -3.66
C ASN A 170 -10.13 -5.90 -2.28
N GLY A 171 -11.05 -6.41 -1.47
CA GLY A 171 -11.12 -5.94 -0.09
C GLY A 171 -11.52 -7.04 0.86
N ARG A 172 -11.14 -6.86 2.12
CA ARG A 172 -11.60 -7.77 3.18
C ARG A 172 -11.80 -7.07 4.51
N TRP A 173 -12.89 -7.47 5.18
CA TRP A 173 -13.17 -7.02 6.55
C TRP A 173 -12.98 -8.25 7.43
N ARG A 174 -12.30 -8.08 8.56
CA ARG A 174 -12.25 -9.15 9.62
C ARG A 174 -12.56 -8.54 10.92
N SER A 175 -13.39 -9.21 11.74
CA SER A 175 -13.48 -8.74 13.14
C SER A 175 -13.37 -9.92 14.09
N GLU A 176 -12.79 -9.70 15.26
CA GLU A 176 -12.63 -10.81 16.24
C GLU A 176 -13.02 -10.22 17.58
N TRP A 177 -13.97 -10.89 18.25
CA TRP A 177 -14.62 -10.34 19.45
C TRP A 177 -14.40 -11.38 20.53
N LYS A 178 -13.87 -10.99 21.68
CA LYS A 178 -13.64 -11.95 22.77
C LYS A 178 -14.45 -11.52 23.99
N PHE A 179 -15.17 -12.48 24.56
CA PHE A 179 -16.05 -12.16 25.69
C PHE A 179 -15.56 -13.12 26.75
N THR A 180 -14.96 -12.58 27.80
CA THR A 180 -14.39 -13.40 28.87
C THR A 180 -15.47 -13.33 29.93
N ILE A 181 -16.10 -14.48 30.17
CA ILE A 181 -17.36 -14.55 30.90
C ILE A 181 -17.06 -14.90 32.38
N THR A 182 -17.29 -13.92 33.25
CA THR A 182 -17.12 -14.07 34.72
C THR A 182 -18.40 -13.53 35.38
N PRO A 183 -19.53 -14.23 35.17
CA PRO A 183 -20.88 -13.79 35.58
C PRO A 183 -20.85 -13.21 37.01
N PRO A 184 -21.54 -12.07 37.25
CA PRO A 184 -22.44 -11.40 36.32
C PRO A 184 -21.79 -10.39 35.35
N THR A 185 -20.46 -10.44 35.16
CA THR A 185 -19.81 -9.56 34.17
C THR A 185 -19.11 -10.34 33.05
N ALA A 186 -19.15 -9.75 31.86
CA ALA A 186 -18.33 -10.27 30.78
C ALA A 186 -17.43 -9.12 30.34
N GLN A 187 -16.12 -9.39 30.21
CA GLN A 187 -15.18 -8.40 29.73
C GLN A 187 -15.11 -8.55 28.23
N VAL A 188 -15.10 -7.43 27.52
CA VAL A 188 -15.15 -7.49 26.06
C VAL A 188 -13.83 -6.93 25.50
N ALA A 189 -13.22 -7.65 24.56
CA ALA A 189 -12.05 -7.14 23.87
C ALA A 189 -12.22 -7.50 22.39
N ALA A 190 -11.99 -6.54 21.50
CA ALA A 190 -12.18 -6.81 20.08
C ALA A 190 -11.16 -6.07 19.26
N VAL A 191 -10.95 -6.57 18.05
CA VAL A 191 -10.26 -5.78 17.04
CA VAL A 191 -10.24 -5.83 17.00
C VAL A 191 -11.01 -5.94 15.72
N LEU A 192 -11.16 -4.83 15.02
CA LEU A 192 -11.87 -4.73 13.75
C LEU A 192 -10.77 -4.37 12.75
N LYS A 193 -10.77 -5.00 11.59
CA LYS A 193 -9.69 -4.75 10.60
C LYS A 193 -10.26 -4.69 9.20
N ILE A 194 -9.64 -3.81 8.39
CA ILE A 194 -10.09 -3.64 7.00
C ILE A 194 -8.84 -3.52 6.17
N GLN A 195 -8.85 -4.18 5.02
CA GLN A 195 -7.77 -4.01 4.02
C GLN A 195 -8.42 -3.90 2.66
N VAL A 196 -8.07 -2.84 1.91
CA VAL A 196 -8.56 -2.66 0.54
C VAL A 196 -7.32 -2.40 -0.34
N HIS A 197 -7.27 -3.04 -1.50
CA HIS A 197 -6.18 -2.85 -2.48
C HIS A 197 -6.72 -2.48 -3.83
N TYR A 198 -6.20 -1.41 -4.43
CA TYR A 198 -6.61 -0.96 -5.74
C TYR A 198 -5.30 -0.88 -6.52
N TYR A 199 -5.27 -1.52 -7.69
CA TYR A 199 -3.99 -1.61 -8.38
C TYR A 199 -4.01 -1.44 -9.90
N GLU A 200 -4.97 -0.67 -10.39
CA GLU A 200 -4.98 -0.27 -11.80
C GLU A 200 -3.94 0.83 -11.96
N ASP A 201 -2.87 0.50 -12.67
CA ASP A 201 -1.76 1.44 -12.88
C ASP A 201 -1.20 2.03 -11.58
N GLY A 202 -1.14 1.23 -10.52
CA GLY A 202 -0.62 1.75 -9.25
C GLY A 202 -0.77 0.70 -8.17
N ASN A 203 -0.57 1.12 -6.93
CA ASN A 203 -0.79 0.23 -5.80
C ASN A 203 -1.20 1.16 -4.67
N VAL A 204 -2.49 1.15 -4.34
CA VAL A 204 -3.01 1.99 -3.26
C VAL A 204 -3.68 1.03 -2.28
N GLN A 205 -3.36 1.19 -1.00
CA GLN A 205 -4.02 0.32 0.02
C GLN A 205 -4.53 1.15 1.19
N LEU A 206 -5.73 0.79 1.62
CA LEU A 206 -6.19 1.21 2.95
C LEU A 206 -5.88 0.04 3.90
N VAL A 207 -5.19 0.30 5.00
CA VAL A 207 -5.08 -0.67 6.10
C VAL A 207 -5.62 0.06 7.29
N SER A 208 -6.60 -0.55 7.93
CA SER A 208 -7.21 0.10 9.07
C SER A 208 -7.50 -0.91 10.19
N HIS A 209 -7.38 -0.49 11.44
CA HIS A 209 -7.90 -1.32 12.54
C HIS A 209 -8.35 -0.49 13.69
N LYS A 210 -9.25 -1.08 14.49
CA LYS A 210 -9.70 -0.38 15.69
C LYS A 210 -9.79 -1.40 16.82
N ASP A 211 -9.32 -1.01 18.00
CA ASP A 211 -9.41 -1.89 19.17
C ASP A 211 -10.59 -1.43 19.97
N ILE A 212 -11.32 -2.40 20.53
CA ILE A 212 -12.50 -2.11 21.35
C ILE A 212 -12.29 -2.75 22.72
N GLN A 213 -12.61 -2.03 23.79
CA GLN A 213 -12.72 -2.66 25.09
C GLN A 213 -14.08 -2.31 25.66
N ASP A 214 -14.76 -3.26 26.29
CA ASP A 214 -16.04 -2.90 26.92
C ASP A 214 -16.35 -3.87 28.05
N SER A 215 -17.44 -3.61 28.74
CA SER A 215 -17.90 -4.53 29.79
C SER A 215 -19.40 -4.62 29.67
N VAL A 216 -19.97 -5.78 29.95
CA VAL A 216 -21.41 -5.94 29.95
C VAL A 216 -21.82 -6.83 31.14
N GLN A 217 -22.92 -6.48 31.80
CA GLN A 217 -23.51 -7.35 32.81
C GLN A 217 -24.30 -8.47 32.13
N VAL A 218 -24.07 -9.69 32.58
CA VAL A 218 -24.63 -10.87 31.94
C VAL A 218 -25.64 -11.59 32.85
N SER A 219 -26.57 -12.29 32.21
CA SER A 219 -27.61 -13.07 32.90
C SER A 219 -27.64 -14.47 32.26
N SER A 220 -28.75 -14.82 31.63
CA SER A 220 -28.91 -16.13 30.96
C SER A 220 -28.17 -16.14 29.62
N ASP A 221 -27.97 -17.33 29.07
CA ASP A 221 -27.22 -17.49 27.80
C ASP A 221 -27.84 -16.72 26.62
N VAL A 222 -29.15 -16.86 26.44
CA VAL A 222 -29.85 -16.21 25.33
C VAL A 222 -29.96 -14.71 25.51
N GLN A 223 -30.24 -14.25 26.73
CA GLN A 223 -30.37 -12.81 26.91
C GLN A 223 -28.98 -12.17 26.84
N THR A 224 -27.97 -12.91 27.26
CA THR A 224 -26.59 -12.43 27.18
C THR A 224 -26.13 -12.36 25.71
N ALA A 225 -26.36 -13.43 24.95
CA ALA A 225 -26.01 -13.44 23.52
C ALA A 225 -26.58 -12.20 22.85
N LYS A 226 -27.81 -11.84 23.25
CA LYS A 226 -28.46 -10.66 22.72
C LYS A 226 -27.73 -9.37 23.05
N GLU A 227 -27.26 -9.23 24.27
CA GLU A 227 -26.48 -8.08 24.67
C GLU A 227 -25.13 -8.04 23.95
N PHE A 228 -24.53 -9.20 23.73
CA PHE A 228 -23.24 -9.28 23.02
C PHE A 228 -23.43 -8.76 21.59
N ILE A 229 -24.50 -9.20 20.93
CA ILE A 229 -24.67 -8.79 19.53
C ILE A 229 -25.01 -7.32 19.44
N LYS A 230 -25.74 -6.78 20.41
CA LYS A 230 -25.98 -5.36 20.45
C LYS A 230 -24.68 -4.54 20.58
N ILE A 231 -23.74 -5.02 21.38
CA ILE A 231 -22.45 -4.32 21.56
C ILE A 231 -21.68 -4.40 20.23
N ILE A 232 -21.66 -5.59 19.63
CA ILE A 232 -20.97 -5.78 18.35
C ILE A 232 -21.55 -4.83 17.28
N GLU A 233 -22.88 -4.85 17.13
CA GLU A 233 -23.53 -4.01 16.15
C GLU A 233 -23.23 -2.53 16.33
N ASN A 234 -23.35 -2.03 17.56
CA ASN A 234 -23.09 -0.60 17.79
CA ASN A 234 -23.08 -0.61 17.84
C ASN A 234 -21.64 -0.23 17.45
N ALA A 235 -20.71 -1.09 17.80
CA ALA A 235 -19.28 -0.75 17.65
C ALA A 235 -18.92 -0.83 16.18
N GLU A 236 -19.40 -1.87 15.51
CA GLU A 236 -19.08 -2.03 14.06
C GLU A 236 -19.77 -0.95 13.21
N ASN A 237 -21.05 -0.64 13.50
CA ASN A 237 -21.69 0.49 12.84
C ASN A 237 -20.91 1.80 13.10
N GLU A 238 -20.51 2.04 14.35
CA GLU A 238 -19.75 3.25 14.74
C GLU A 238 -18.45 3.38 13.93
N TYR A 239 -17.75 2.25 13.84
CA TYR A 239 -16.44 2.23 13.12
C TYR A 239 -16.65 2.53 11.65
N GLN A 240 -17.64 1.89 11.04
CA GLN A 240 -17.89 2.13 9.62
C GLN A 240 -18.26 3.61 9.37
N THR A 241 -19.15 4.15 10.20
CA THR A 241 -19.53 5.59 10.16
C THR A 241 -18.33 6.52 10.25
N ALA A 242 -17.45 6.27 11.22
CA ALA A 242 -16.25 7.06 11.48
C ALA A 242 -15.25 7.00 10.31
N ILE A 243 -15.09 5.82 9.72
CA ILE A 243 -14.22 5.68 8.54
CA ILE A 243 -14.24 5.67 8.54
C ILE A 243 -14.70 6.59 7.41
N SER A 244 -15.99 6.53 7.09
CA SER A 244 -16.55 7.41 6.04
CA SER A 244 -16.55 7.42 6.05
C SER A 244 -16.41 8.90 6.38
N GLU A 245 -16.62 9.28 7.64
CA GLU A 245 -16.38 10.68 8.10
C GLU A 245 -14.92 11.08 7.97
N ASN A 246 -14.01 10.15 8.27
CA ASN A 246 -12.58 10.41 8.14
C ASN A 246 -12.17 10.57 6.68
N TYR A 247 -12.79 9.80 5.79
CA TYR A 247 -12.55 10.00 4.35
C TYR A 247 -12.85 11.44 3.93
N GLN A 248 -14.00 11.96 4.37
CA GLN A 248 -14.38 13.34 4.12
C GLN A 248 -13.37 14.36 4.67
N THR A 249 -12.90 14.18 5.90
CA THR A 249 -11.97 15.10 6.53
C THR A 249 -10.62 15.10 5.79
N MET A 250 -10.14 13.90 5.45
CA MET A 250 -8.87 13.74 4.73
C MET A 250 -8.96 14.45 3.41
N SER A 251 -10.09 14.26 2.72
CA SER A 251 -10.27 14.85 1.40
CA SER A 251 -10.32 14.85 1.40
C SER A 251 -10.31 16.38 1.41
N ASP A 252 -11.05 16.98 2.32
CA ASP A 252 -11.09 18.44 2.19
C ASP A 252 -10.21 19.25 3.12
N THR A 253 -9.42 18.56 3.92
CA THR A 253 -8.36 19.20 4.67
C THR A 253 -6.97 18.79 4.15
N THR A 254 -6.44 17.69 4.66
CA THR A 254 -5.08 17.23 4.34
C THR A 254 -4.81 17.18 2.84
N PHE A 255 -5.67 16.53 2.08
CA PHE A 255 -5.40 16.33 0.64
C PHE A 255 -5.38 17.65 -0.09
N LYS A 256 -6.39 18.49 0.14
CA LYS A 256 -6.40 19.81 -0.49
C LYS A 256 -5.17 20.63 -0.11
N ALA A 257 -4.69 20.50 1.13
CA ALA A 257 -3.50 21.23 1.59
C ALA A 257 -2.20 20.79 0.96
N LEU A 258 -2.14 19.54 0.49
CA LEU A 258 -0.93 19.04 -0.14
C LEU A 258 -0.67 19.68 -1.48
N ARG A 259 -1.72 19.84 -2.28
CA ARG A 259 -1.57 20.51 -3.59
C ARG A 259 -2.85 21.18 -4.04
N ARG A 260 -2.74 22.40 -4.56
CA ARG A 260 -3.87 23.06 -5.18
C ARG A 260 -4.33 22.34 -6.45
N GLN A 261 -5.60 22.55 -6.81
CA GLN A 261 -6.03 22.08 -8.15
C GLN A 261 -5.43 22.95 -9.23
N LEU A 262 -5.39 24.24 -8.94
CA LEU A 262 -4.78 25.22 -9.85
C LEU A 262 -4.14 26.33 -9.04
N PRO A 263 -3.26 27.10 -9.67
CA PRO A 263 -2.71 28.26 -8.96
C PRO A 263 -3.82 29.26 -8.65
N VAL A 264 -3.52 30.20 -7.77
CA VAL A 264 -4.52 31.22 -7.35
C VAL A 264 -5.16 31.98 -8.52
N THR A 265 -4.48 32.00 -9.65
CA THR A 265 -4.96 32.65 -10.86
C THR A 265 -6.19 31.98 -11.45
N ARG A 266 -6.43 30.73 -11.03
CA ARG A 266 -7.49 29.90 -11.60
C ARG A 266 -7.28 29.63 -13.09
N THR A 267 -6.02 29.59 -13.53
CA THR A 267 -5.73 29.11 -14.87
C THR A 267 -4.43 28.34 -14.75
N LYS A 268 -4.15 27.52 -15.75
CA LYS A 268 -2.84 26.86 -15.81
C LYS A 268 -1.70 27.88 -15.95
N ILE A 269 -0.47 27.41 -15.82
CA ILE A 269 0.70 28.28 -15.76
C ILE A 269 0.99 28.87 -17.15
N ASP A 270 1.44 30.12 -17.16
CA ASP A 270 1.98 30.73 -18.37
C ASP A 270 3.48 30.46 -18.30
N TRP A 271 3.92 29.48 -19.09
CA TRP A 271 5.30 28.99 -19.00
C TRP A 271 6.26 30.04 -19.54
N ASN A 272 5.77 30.88 -20.45
CA ASN A 272 6.59 32.01 -20.87
C ASN A 272 6.87 33.05 -19.79
N LYS A 273 5.91 33.39 -18.94
CA LYS A 273 6.20 34.22 -17.75
C LYS A 273 7.18 33.52 -16.80
N ILE A 274 7.03 32.20 -16.63
CA ILE A 274 7.94 31.41 -15.78
C ILE A 274 9.42 31.54 -16.16
N LEU A 275 9.70 31.39 -17.45
CA LEU A 275 11.07 31.36 -17.93
C LEU A 275 11.71 32.75 -18.02
N SER A 276 10.94 33.79 -17.70
CA SER A 276 11.44 35.16 -17.73
C SER A 276 11.73 35.70 -16.34
N SER B 2 16.52 -12.68 -17.02
CA SER B 2 16.00 -12.05 -15.77
C SER B 2 15.03 -10.87 -16.00
N ASP B 3 14.58 -10.69 -17.25
CA ASP B 3 13.40 -9.84 -17.49
C ASP B 3 12.22 -10.42 -16.71
N GLN B 4 12.11 -11.75 -16.74
CA GLN B 4 11.10 -12.49 -15.97
C GLN B 4 11.18 -12.15 -14.47
N GLN B 5 12.39 -12.16 -13.91
CA GLN B 5 12.58 -11.85 -12.48
C GLN B 5 12.21 -10.40 -12.16
N LEU B 6 12.70 -9.46 -12.97
CA LEU B 6 12.32 -8.08 -12.80
C LEU B 6 10.79 -7.90 -12.90
N ASP B 7 10.15 -8.61 -13.82
CA ASP B 7 8.67 -8.48 -13.96
C ASP B 7 7.99 -8.98 -12.70
N CYS B 8 8.48 -10.08 -12.14
CA CYS B 8 7.92 -10.63 -10.88
C CYS B 8 8.19 -9.68 -9.72
N ALA B 9 9.37 -9.07 -9.69
CA ALA B 9 9.70 -8.15 -8.58
C ALA B 9 8.80 -6.92 -8.65
N LEU B 10 8.60 -6.39 -9.87
CA LEU B 10 7.74 -5.21 -10.01
C LEU B 10 6.27 -5.58 -9.72
N ASP B 11 5.84 -6.79 -10.08
CA ASP B 11 4.49 -7.23 -9.75
C ASP B 11 4.35 -7.30 -8.23
N LEU B 12 5.36 -7.82 -7.55
CA LEU B 12 5.29 -7.90 -6.08
C LEU B 12 5.16 -6.52 -5.46
N MET B 13 5.89 -5.55 -5.99
CA MET B 13 5.79 -4.20 -5.45
C MET B 13 4.40 -3.59 -5.66
N ARG B 14 3.63 -4.07 -6.66
CA ARG B 14 2.28 -3.58 -6.93
C ARG B 14 1.29 -4.20 -5.95
N ARG B 15 1.75 -5.24 -5.21
CA ARG B 15 0.83 -6.04 -4.36
C ARG B 15 1.15 -5.96 -2.89
N LEU B 16 2.42 -5.96 -2.54
CA LEU B 16 2.82 -5.79 -1.13
C LEU B 16 2.31 -4.41 -0.61
N PRO B 17 1.87 -4.36 0.65
CA PRO B 17 1.38 -3.09 1.23
C PRO B 17 2.36 -1.93 1.03
N PRO B 18 1.87 -0.83 0.45
CA PRO B 18 2.81 0.29 0.22
C PRO B 18 3.23 1.00 1.49
N GLN B 19 2.50 0.78 2.60
CA GLN B 19 2.95 1.29 3.91
C GLN B 19 4.35 0.78 4.25
N GLN B 20 4.74 -0.34 3.65
CA GLN B 20 6.09 -0.85 3.86
C GLN B 20 6.99 -0.77 2.61
N ILE B 21 6.79 0.27 1.79
CA ILE B 21 7.43 0.38 0.45
C ILE B 21 8.97 0.32 0.54
N GLU B 22 9.54 0.97 1.54
CA GLU B 22 11.01 0.94 1.71
C GLU B 22 11.55 -0.42 2.15
N LYS B 23 10.87 -1.03 3.13
CA LYS B 23 11.30 -2.38 3.59
C LYS B 23 11.05 -3.40 2.47
N ASN B 24 10.01 -3.19 1.68
CA ASN B 24 9.69 -4.13 0.59
C ASN B 24 10.86 -4.15 -0.40
N LEU B 25 11.34 -2.98 -0.76
CA LEU B 25 12.45 -2.89 -1.70
C LEU B 25 13.73 -3.51 -1.12
N SER B 26 14.06 -3.17 0.12
CA SER B 26 15.27 -3.72 0.76
CA SER B 26 15.28 -3.73 0.72
C SER B 26 15.18 -5.25 0.86
N ASP B 27 13.98 -5.77 1.20
CA ASP B 27 13.82 -7.23 1.29
C ASP B 27 13.96 -7.89 -0.08
N LEU B 28 13.43 -7.25 -1.10
CA LEU B 28 13.49 -7.79 -2.46
C LEU B 28 14.93 -7.88 -2.93
N ILE B 29 15.72 -6.84 -2.60
CA ILE B 29 17.12 -6.83 -3.00
C ILE B 29 17.87 -7.92 -2.25
N ASP B 30 17.51 -8.18 -0.99
CA ASP B 30 18.12 -9.32 -0.24
C ASP B 30 17.73 -10.68 -0.87
N LEU B 31 16.49 -10.79 -1.37
CA LEU B 31 15.99 -12.03 -1.97
C LEU B 31 16.67 -12.31 -3.31
N VAL B 32 16.90 -11.25 -4.10
CA VAL B 32 17.47 -11.38 -5.45
CA VAL B 32 17.43 -11.37 -5.45
C VAL B 32 18.59 -10.32 -5.65
N PRO B 33 19.76 -10.54 -5.00
CA PRO B 33 20.78 -9.50 -5.03
C PRO B 33 21.29 -9.13 -6.40
N SER B 34 21.21 -10.07 -7.35
CA SER B 34 21.63 -9.79 -8.75
C SER B 34 20.74 -8.74 -9.44
N LEU B 35 19.53 -8.51 -8.92
CA LEU B 35 18.64 -7.48 -9.47
C LEU B 35 18.85 -6.10 -8.88
N CYS B 36 19.77 -5.93 -7.93
CA CYS B 36 19.87 -4.67 -7.22
C CYS B 36 19.83 -3.41 -8.12
N GLU B 37 20.70 -3.35 -9.13
CA GLU B 37 20.77 -2.16 -9.95
C GLU B 37 19.44 -1.90 -10.69
N ASP B 38 18.86 -2.98 -11.20
CA ASP B 38 17.62 -2.87 -11.96
C ASP B 38 16.50 -2.45 -11.05
N LEU B 39 16.48 -2.97 -9.82
CA LEU B 39 15.45 -2.55 -8.85
C LEU B 39 15.60 -1.12 -8.37
N LEU B 40 16.83 -0.66 -8.17
CA LEU B 40 17.01 0.71 -7.70
C LEU B 40 16.56 1.67 -8.79
N SER B 41 16.78 1.27 -10.04
CA SER B 41 16.29 2.06 -11.20
C SER B 41 14.76 2.08 -11.33
N SER B 42 14.10 0.93 -11.20
CA SER B 42 12.69 0.84 -11.62
CA SER B 42 12.70 0.83 -11.62
C SER B 42 11.69 0.87 -10.47
N VAL B 43 12.16 0.75 -9.25
CA VAL B 43 11.25 0.76 -8.09
C VAL B 43 11.28 2.13 -7.42
N ASP B 44 10.19 2.87 -7.57
CA ASP B 44 10.11 4.20 -6.96
C ASP B 44 10.02 4.07 -5.43
N GLN B 45 10.57 5.05 -4.75
CA GLN B 45 10.64 5.10 -3.27
C GLN B 45 10.24 6.51 -2.88
N PRO B 46 9.70 6.68 -1.66
CA PRO B 46 9.49 8.01 -1.11
C PRO B 46 10.78 8.86 -1.16
N LEU B 47 10.59 10.14 -1.46
CA LEU B 47 11.66 11.07 -1.59
C LEU B 47 12.15 11.48 -0.20
N LYS B 48 13.46 11.52 -0.06
CA LYS B 48 14.09 12.03 1.16
C LYS B 48 14.72 13.40 0.92
N ILE B 49 14.86 14.15 2.01
CA ILE B 49 15.36 15.51 1.95
C ILE B 49 16.76 15.54 2.54
N ALA B 50 17.66 16.29 1.90
CA ALA B 50 19.00 16.55 2.42
C ALA B 50 19.21 18.05 2.32
N ARG B 51 20.18 18.56 3.08
CA ARG B 51 20.54 19.97 3.09
C ARG B 51 21.78 20.23 2.25
N ASP B 52 21.69 21.18 1.32
CA ASP B 52 22.88 21.63 0.62
C ASP B 52 23.45 22.73 1.51
N LYS B 53 24.61 22.44 2.11
CA LYS B 53 25.19 23.33 3.14
C LYS B 53 25.75 24.61 2.54
N VAL B 54 26.18 24.55 1.29
CA VAL B 54 26.62 25.74 0.55
C VAL B 54 25.51 26.80 0.40
N VAL B 55 24.28 26.37 0.09
CA VAL B 55 23.23 27.33 -0.22
C VAL B 55 22.14 27.43 0.85
N GLY B 56 22.15 26.55 1.84
CA GLY B 56 21.10 26.54 2.87
C GLY B 56 19.70 26.18 2.35
N LYS B 57 19.70 25.37 1.28
CA LYS B 57 18.47 24.91 0.64
CA LYS B 57 18.48 24.92 0.59
C LYS B 57 18.39 23.40 0.62
N ASP B 58 17.17 22.90 0.84
CA ASP B 58 16.91 21.48 0.79
C ASP B 58 16.93 21.00 -0.67
N TYR B 59 17.33 19.74 -0.84
CA TYR B 59 17.20 19.07 -2.14
C TYR B 59 16.73 17.64 -1.92
N LEU B 60 16.26 17.04 -3.00
CA LEU B 60 15.62 15.72 -2.89
C LEU B 60 16.50 14.57 -3.33
N LEU B 61 16.38 13.44 -2.62
CA LEU B 61 17.20 12.26 -2.93
C LEU B 61 16.42 11.12 -3.52
N CYS B 62 16.99 10.55 -4.58
CA CYS B 62 16.49 9.33 -5.17
C CYS B 62 17.59 8.66 -5.96
N ASP B 63 17.27 7.53 -6.59
CA ASP B 63 18.32 6.84 -7.34
C ASP B 63 18.91 7.67 -8.49
N TYR B 64 18.12 8.59 -9.05
CA TYR B 64 18.52 9.39 -10.20
C TYR B 64 19.54 10.50 -9.92
N ASN B 65 19.77 10.80 -8.66
CA ASN B 65 20.89 11.71 -8.31
C ASN B 65 21.93 11.00 -7.43
N ARG B 66 21.88 9.68 -7.39
CA ARG B 66 22.80 8.89 -6.55
C ARG B 66 24.01 8.43 -7.37
N ASP B 67 25.18 8.46 -6.76
CA ASP B 67 26.30 7.71 -7.31
C ASP B 67 27.10 7.15 -6.14
N GLY B 68 27.43 5.88 -6.22
CA GLY B 68 27.85 5.14 -5.00
C GLY B 68 26.85 5.35 -3.89
N ASP B 69 27.32 5.84 -2.76
CA ASP B 69 26.45 6.12 -1.66
C ASP B 69 26.34 7.62 -1.43
N SER B 70 26.56 8.40 -2.48
CA SER B 70 26.48 9.88 -2.34
C SER B 70 25.35 10.40 -3.24
N TYR B 71 24.91 11.63 -2.97
CA TYR B 71 23.85 12.25 -3.79
C TYR B 71 24.28 13.61 -4.27
N ARG B 72 23.90 13.95 -5.49
CA ARG B 72 24.27 15.26 -6.06
C ARG B 72 23.18 16.30 -5.79
N SER B 73 23.62 17.49 -5.35
CA SER B 73 22.73 18.65 -5.19
C SER B 73 22.49 19.35 -6.54
N PRO B 74 21.22 19.75 -6.81
CA PRO B 74 21.00 20.46 -8.08
C PRO B 74 21.39 21.93 -7.92
N TRP B 75 21.54 22.36 -6.68
CA TRP B 75 21.99 23.76 -6.41
C TRP B 75 23.50 23.95 -6.54
N SER B 76 24.29 23.08 -5.92
CA SER B 76 25.77 23.19 -5.95
C SER B 76 26.43 22.35 -7.06
N ASN B 77 25.71 21.38 -7.60
CA ASN B 77 26.27 20.42 -8.57
C ASN B 77 27.40 19.57 -7.96
N LYS B 78 27.38 19.41 -6.65
CA LYS B 78 28.38 18.56 -5.98
C LYS B 78 27.71 17.38 -5.30
N TYR B 79 28.45 16.27 -5.27
CA TYR B 79 28.07 15.11 -4.45
C TYR B 79 28.33 15.25 -2.94
N ASP B 80 27.43 14.71 -2.15
CA ASP B 80 27.59 14.64 -0.68
C ASP B 80 27.24 13.21 -0.23
N PRO B 81 28.16 12.49 0.43
CA PRO B 81 29.53 12.94 0.71
C PRO B 81 30.32 13.07 -0.59
N PRO B 82 31.39 13.88 -0.55
CA PRO B 82 32.19 14.17 -1.74
C PRO B 82 32.61 12.91 -2.49
N LEU B 83 32.63 12.97 -3.82
CA LEU B 83 32.99 11.81 -4.62
C LEU B 83 34.04 12.20 -5.65
N GLU B 84 34.96 11.29 -5.94
CA GLU B 84 35.79 11.44 -7.11
C GLU B 84 35.04 10.92 -8.33
N ASP B 85 34.79 11.82 -9.28
CA ASP B 85 34.31 11.45 -10.61
C ASP B 85 32.92 10.73 -10.67
N GLY B 86 31.96 11.19 -9.89
CA GLY B 86 30.56 10.71 -10.01
C GLY B 86 29.93 11.18 -11.32
N ALA B 87 28.87 10.50 -11.76
CA ALA B 87 28.10 10.87 -12.96
C ALA B 87 27.64 12.33 -12.88
N MET B 88 27.91 13.07 -13.96
CA MET B 88 27.61 14.51 -14.01
C MET B 88 26.96 14.83 -15.35
N PRO B 89 25.99 15.80 -15.37
CA PRO B 89 25.50 16.21 -16.69
C PRO B 89 26.60 16.92 -17.51
N SER B 90 26.54 16.82 -18.82
CA SER B 90 27.46 17.62 -19.67
C SER B 90 27.36 19.12 -19.38
N ALA B 91 28.36 19.91 -19.78
CA ALA B 91 28.26 21.35 -19.53
C ALA B 91 26.96 21.98 -20.04
N ARG B 92 26.59 21.69 -21.27
CA ARG B 92 25.37 22.31 -21.80
C ARG B 92 24.12 21.78 -21.11
N LEU B 93 24.10 20.49 -20.83
CA LEU B 93 22.94 19.92 -20.11
C LEU B 93 22.81 20.49 -18.68
N ARG B 94 23.93 20.76 -18.00
CA ARG B 94 23.89 21.38 -16.70
C ARG B 94 23.26 22.77 -16.73
N LYS B 95 23.57 23.58 -17.75
CA LYS B 95 22.87 24.85 -17.88
C LYS B 95 21.34 24.72 -17.97
N LEU B 96 20.87 23.74 -18.74
CA LEU B 96 19.45 23.43 -18.86
C LEU B 96 18.89 22.99 -17.48
N GLU B 97 19.69 22.17 -16.79
CA GLU B 97 19.29 21.69 -15.46
C GLU B 97 19.13 22.84 -14.46
N VAL B 98 20.04 23.83 -14.49
CA VAL B 98 19.86 25.01 -13.62
C VAL B 98 18.56 25.77 -13.93
N GLU B 99 18.33 25.97 -15.23
CA GLU B 99 17.13 26.67 -15.72
C GLU B 99 15.87 25.90 -15.34
N ALA B 100 15.90 24.57 -15.49
CA ALA B 100 14.77 23.70 -15.12
C ALA B 100 14.50 23.76 -13.61
N ASN B 101 15.55 23.75 -12.80
CA ASN B 101 15.36 23.89 -11.34
C ASN B 101 14.68 25.18 -10.92
N ASN B 102 15.03 26.29 -11.56
N ASN B 102 15.04 26.29 -11.56
CA ASN B 102 14.41 27.56 -11.25
CA ASN B 102 14.40 27.60 -11.36
C ASN B 102 12.92 27.57 -11.73
C ASN B 102 12.93 27.54 -11.72
N ALA B 103 12.64 27.02 -12.91
CA ALA B 103 11.27 26.98 -13.45
C ALA B 103 10.36 26.12 -12.54
N PHE B 104 10.90 24.97 -12.13
CA PHE B 104 10.14 24.04 -11.28
C PHE B 104 9.99 24.49 -9.86
N ASP B 105 10.90 25.33 -9.36
CA ASP B 105 10.67 25.92 -8.05
CA ASP B 105 10.72 26.00 -8.07
C ASP B 105 9.49 26.88 -8.11
N GLN B 106 9.32 27.61 -9.22
CA GLN B 106 8.16 28.51 -9.37
C GLN B 106 6.87 27.68 -9.55
N TYR B 107 6.96 26.61 -10.34
CA TYR B 107 5.83 25.71 -10.50
C TYR B 107 5.38 25.15 -9.14
N ARG B 108 6.37 24.72 -8.36
CA ARG B 108 6.08 24.15 -7.04
C ARG B 108 5.40 25.19 -6.15
N ASP B 109 5.94 26.40 -6.15
CA ASP B 109 5.27 27.42 -5.35
C ASP B 109 3.84 27.71 -5.74
N LEU B 110 3.57 27.74 -7.05
CA LEU B 110 2.23 28.04 -7.58
C LEU B 110 1.23 26.94 -7.27
N TYR B 111 1.67 25.70 -7.34
CA TYR B 111 0.75 24.58 -7.06
C TYR B 111 0.74 24.05 -5.64
N PHE B 112 1.90 24.04 -4.97
CA PHE B 112 2.03 23.35 -3.68
C PHE B 112 2.14 24.35 -2.54
N GLU B 113 2.43 25.60 -2.87
CA GLU B 113 2.55 26.66 -1.84
C GLU B 113 3.47 26.26 -0.69
N GLY B 114 4.59 25.63 -1.02
CA GLY B 114 5.48 25.07 -0.02
C GLY B 114 6.15 23.81 -0.56
N GLY B 115 6.64 22.98 0.34
CA GLY B 115 7.44 21.80 -0.07
C GLY B 115 8.79 22.09 -0.73
N VAL B 116 9.35 21.05 -1.37
CA VAL B 116 10.70 21.12 -1.89
C VAL B 116 10.65 20.51 -3.30
N SER B 117 11.40 21.08 -4.23
CA SER B 117 11.52 20.47 -5.55
C SER B 117 12.98 20.28 -5.89
N SER B 118 13.26 19.38 -6.84
CA SER B 118 14.60 19.20 -7.42
C SER B 118 14.45 18.63 -8.82
N VAL B 119 15.32 19.08 -9.72
CA VAL B 119 15.38 18.51 -11.07
C VAL B 119 16.80 18.02 -11.34
N TYR B 120 16.89 16.80 -11.88
CA TYR B 120 18.16 16.18 -12.24
C TYR B 120 18.05 15.72 -13.67
N LEU B 121 19.03 16.14 -14.48
CA LEU B 121 19.08 15.71 -15.86
C LEU B 121 20.29 14.80 -16.06
N TRP B 122 20.21 14.00 -17.10
CA TRP B 122 21.36 13.18 -17.57
C TRP B 122 21.40 13.07 -19.09
N ASP B 123 22.63 13.00 -19.63
CA ASP B 123 22.80 12.90 -21.06
C ASP B 123 22.43 11.51 -21.59
N LEU B 124 21.81 11.48 -22.77
CA LEU B 124 21.58 10.27 -23.50
C LEU B 124 22.32 10.39 -24.83
N ASP B 125 22.40 9.30 -25.58
CA ASP B 125 23.15 9.30 -26.84
C ASP B 125 22.63 10.26 -27.89
N HIS B 126 21.31 10.37 -27.99
CA HIS B 126 20.69 11.26 -28.99
C HIS B 126 19.60 12.11 -28.33
N GLY B 127 19.90 12.58 -27.11
CA GLY B 127 19.03 13.52 -26.39
C GLY B 127 19.42 13.58 -24.93
N PHE B 128 18.42 13.67 -24.06
CA PHE B 128 18.70 13.69 -22.64
C PHE B 128 17.46 13.22 -21.89
N ALA B 129 17.61 13.01 -20.60
CA ALA B 129 16.43 12.65 -19.79
C ALA B 129 16.50 13.42 -18.51
N GLY B 130 15.40 13.43 -17.74
CA GLY B 130 15.41 14.22 -16.53
C GLY B 130 14.35 13.65 -15.60
N VAL B 131 14.51 13.95 -14.32
CA VAL B 131 13.47 13.71 -13.34
C VAL B 131 13.13 15.04 -12.66
N ILE B 132 11.84 15.29 -12.50
CA ILE B 132 11.38 16.45 -11.78
C ILE B 132 10.73 15.86 -10.53
N LEU B 133 11.21 16.26 -9.37
CA LEU B 133 10.79 15.72 -8.08
C LEU B 133 10.15 16.82 -7.24
N ILE B 134 9.03 16.49 -6.61
CA ILE B 134 8.37 17.44 -5.68
C ILE B 134 7.99 16.65 -4.44
N LYS B 135 8.29 17.21 -3.27
CA LYS B 135 7.91 16.62 -1.98
C LYS B 135 7.19 17.64 -1.15
N LYS B 136 6.00 17.28 -0.66
CA LYS B 136 5.26 18.18 0.18
C LYS B 136 4.71 17.34 1.32
N ALA B 137 5.03 17.72 2.55
CA ALA B 137 4.48 17.02 3.70
C ALA B 137 3.64 18.00 4.49
N GLY B 138 2.52 17.52 5.03
CA GLY B 138 1.71 18.32 5.93
C GLY B 138 2.47 18.33 7.23
N ASP B 139 2.06 19.16 8.16
CA ASP B 139 2.68 19.08 9.48
C ASP B 139 2.51 17.68 10.09
N GLY B 140 3.63 17.11 10.54
CA GLY B 140 3.68 15.79 11.16
C GLY B 140 3.22 15.84 12.62
N SER B 141 2.88 17.05 13.08
CA SER B 141 2.39 17.28 14.44
C SER B 141 0.87 17.21 14.44
N LYS B 142 0.31 16.86 13.29
CA LYS B 142 -1.13 16.89 13.21
C LYS B 142 -1.82 15.56 13.59
N LYS B 143 -1.02 14.52 13.92
CA LYS B 143 -1.44 13.05 14.10
C LYS B 143 -2.44 12.62 13.06
N ILE B 144 -2.34 13.36 11.96
N ILE B 144 -2.54 13.55 12.14
CA ILE B 144 -3.23 13.33 10.83
CA ILE B 144 -3.15 13.40 10.90
C ILE B 144 -2.33 13.64 9.63
C ILE B 144 -1.84 13.66 10.20
N LYS B 145 -1.40 12.72 9.38
CA LYS B 145 -0.18 12.95 8.62
C LYS B 145 -0.53 12.88 7.14
N GLY B 146 0.13 13.70 6.34
CA GLY B 146 -0.12 13.63 4.89
C GLY B 146 1.19 13.94 4.20
N CYS B 147 1.49 13.19 3.12
CA CYS B 147 2.71 13.47 2.35
CA CYS B 147 2.73 13.44 2.34
C CYS B 147 2.42 13.19 0.90
N TRP B 148 3.01 14.02 0.03
CA TRP B 148 2.87 13.89 -1.42
C TRP B 148 4.28 13.80 -2.04
N ASP B 149 4.55 12.76 -2.87
CA ASP B 149 5.82 12.71 -3.65
C ASP B 149 5.45 12.71 -5.14
N SER B 150 6.01 13.63 -5.95
CA SER B 150 5.90 13.56 -7.40
C SER B 150 7.26 13.13 -7.99
N ILE B 151 7.20 12.16 -8.90
CA ILE B 151 8.38 11.67 -9.61
C ILE B 151 8.08 11.65 -11.09
N HIS B 152 8.55 12.69 -11.81
CA HIS B 152 8.25 12.77 -13.25
C HIS B 152 9.53 12.54 -14.05
N VAL B 153 9.56 11.44 -14.82
CA VAL B 153 10.77 11.08 -15.58
C VAL B 153 10.46 11.32 -17.05
N VAL B 154 11.26 12.20 -17.67
CA VAL B 154 11.02 12.62 -19.06
C VAL B 154 12.21 12.15 -19.87
N GLU B 155 11.94 11.57 -21.02
CA GLU B 155 13.03 11.23 -21.99
C GLU B 155 12.80 12.12 -23.19
N VAL B 156 13.88 12.73 -23.70
CA VAL B 156 13.74 13.69 -24.79
C VAL B 156 14.67 13.16 -25.90
N GLN B 157 14.08 12.71 -27.00
CA GLN B 157 14.85 12.24 -28.12
C GLN B 157 14.89 13.40 -29.11
N GLU B 158 16.07 13.97 -29.26
CA GLU B 158 16.27 15.11 -30.13
C GLU B 158 16.47 14.66 -31.57
N LYS B 159 16.03 15.52 -32.50
CA LYS B 159 16.18 15.25 -33.94
C LYS B 159 17.21 16.21 -34.51
N SER B 160 17.91 15.76 -35.55
CA SER B 160 19.06 16.49 -36.12
C SER B 160 18.87 18.02 -36.20
N SER B 161 17.70 18.45 -36.67
CA SER B 161 17.41 19.87 -36.81
C SER B 161 17.45 20.65 -35.48
N GLY B 162 16.87 20.07 -34.44
CA GLY B 162 16.66 20.79 -33.19
C GLY B 162 15.42 21.66 -33.25
N ARG B 163 14.57 21.41 -34.24
CA ARG B 163 13.29 22.10 -34.35
C ARG B 163 12.09 21.25 -33.88
N THR B 164 12.32 19.96 -33.66
CA THR B 164 11.30 19.08 -33.06
C THR B 164 11.95 18.05 -32.13
N ALA B 165 11.25 17.67 -31.06
CA ALA B 165 11.75 16.56 -30.25
C ALA B 165 10.60 15.63 -29.86
N HIS B 166 10.95 14.39 -29.53
CA HIS B 166 9.96 13.45 -29.07
C HIS B 166 10.14 13.32 -27.56
N TYR B 167 9.06 13.52 -26.82
CA TYR B 167 9.08 13.50 -25.36
C TYR B 167 8.25 12.32 -24.85
N LYS B 168 8.82 11.59 -23.89
CA LYS B 168 8.15 10.44 -23.30
C LYS B 168 8.13 10.74 -21.82
N LEU B 169 6.95 10.77 -21.20
CA LEU B 169 6.88 11.13 -19.80
C LEU B 169 6.29 9.96 -19.04
N THR B 170 6.94 9.58 -17.93
CA THR B 170 6.46 8.51 -17.07
C THR B 170 6.41 9.12 -15.67
N SER B 171 5.20 9.22 -15.12
CA SER B 171 4.99 9.98 -13.92
C SER B 171 4.37 9.13 -12.83
N THR B 172 4.93 9.27 -11.65
CA THR B 172 4.39 8.55 -10.46
C THR B 172 4.06 9.63 -9.48
N VAL B 173 2.89 9.53 -8.84
CA VAL B 173 2.65 10.31 -7.63
C VAL B 173 2.37 9.34 -6.50
N MET B 174 3.04 9.59 -5.36
CA MET B 174 2.80 8.81 -4.14
C MET B 174 2.02 9.71 -3.20
N LEU B 175 0.98 9.18 -2.56
CA LEU B 175 0.16 10.01 -1.68
C LEU B 175 -0.04 9.18 -0.43
N TRP B 176 0.24 9.77 0.73
CA TRP B 176 0.26 9.00 1.99
C TRP B 176 -0.57 9.75 2.98
N LEU B 177 -1.57 9.09 3.58
CA LEU B 177 -2.39 9.76 4.58
C LEU B 177 -2.51 8.80 5.75
N GLN B 178 -2.36 9.31 6.97
CA GLN B 178 -2.46 8.44 8.16
CA GLN B 178 -2.52 8.43 8.14
C GLN B 178 -3.20 9.19 9.24
N THR B 179 -4.12 8.51 9.90
CA THR B 179 -4.78 9.14 11.06
C THR B 179 -4.97 8.09 12.15
N ASN B 180 -4.92 8.55 13.41
CA ASN B 180 -5.25 7.72 14.55
CA ASN B 180 -5.24 7.70 14.56
C ASN B 180 -6.23 8.51 15.38
N LYS B 181 -7.49 8.11 15.30
CA LYS B 181 -8.62 8.82 15.92
C LYS B 181 -9.50 7.88 16.74
N THR B 182 -10.29 8.44 17.63
CA THR B 182 -11.12 7.60 18.51
C THR B 182 -12.15 6.76 17.75
N GLY B 183 -12.85 7.39 16.82
CA GLY B 183 -13.97 6.77 16.13
C GLY B 183 -13.47 5.79 15.07
N SER B 184 -12.51 6.24 14.29
CA SER B 184 -12.11 5.44 13.15
C SER B 184 -10.87 4.60 13.40
N GLY B 185 -10.32 4.64 14.61
CA GLY B 185 -9.14 3.84 14.97
C GLY B 185 -7.95 4.31 14.13
N THR B 186 -7.07 3.38 13.75
CA THR B 186 -5.90 3.72 12.88
C THR B 186 -6.36 3.54 11.44
N MET B 187 -6.19 4.57 10.61
CA MET B 187 -6.45 4.44 9.18
C MET B 187 -5.20 4.89 8.45
N ASN B 188 -4.70 4.02 7.57
CA ASN B 188 -3.52 4.35 6.79
C ASN B 188 -3.89 4.12 5.33
N LEU B 189 -3.89 5.20 4.55
CA LEU B 189 -4.31 5.12 3.15
C LEU B 189 -3.16 5.67 2.37
N GLY B 190 -2.51 4.80 1.60
CA GLY B 190 -1.24 5.21 1.00
C GLY B 190 -0.92 4.41 -0.21
N GLY B 191 0.08 4.88 -0.95
CA GLY B 191 0.45 4.17 -2.15
C GLY B 191 0.73 5.16 -3.29
N SER B 192 0.54 4.69 -4.50
CA SER B 192 0.99 5.51 -5.66
C SER B 192 0.23 5.15 -6.90
N LEU B 193 0.22 6.07 -7.88
CA LEU B 193 -0.30 5.82 -9.24
C LEU B 193 0.75 6.27 -10.26
N THR B 194 0.82 5.56 -11.39
CA THR B 194 1.84 5.85 -12.43
C THR B 194 1.15 5.90 -13.77
N ARG B 195 1.47 6.93 -14.58
CA ARG B 195 0.90 6.97 -15.91
CA ARG B 195 0.84 7.18 -15.89
C ARG B 195 1.98 7.44 -16.88
N GLN B 196 1.73 7.24 -18.17
CA GLN B 196 2.74 7.44 -19.19
C GLN B 196 2.11 8.13 -20.36
N MET B 197 2.84 9.05 -21.00
CA MET B 197 2.35 9.62 -22.27
C MET B 197 3.52 10.08 -23.11
N GLU B 198 3.30 10.25 -24.41
CA GLU B 198 4.37 10.69 -25.31
C GLU B 198 3.80 11.65 -26.31
N LYS B 199 4.66 12.50 -26.86
CA LYS B 199 4.24 13.57 -27.74
C LYS B 199 5.47 14.05 -28.51
N ASP B 200 5.26 14.44 -29.77
CA ASP B 200 6.24 15.27 -30.46
C ASP B 200 5.86 16.74 -30.28
N GLU B 201 6.86 17.57 -30.04
CA GLU B 201 6.65 19.01 -29.96
C GLU B 201 7.73 19.77 -30.71
N THR B 202 7.33 20.88 -31.32
CA THR B 202 8.29 21.83 -31.87
C THR B 202 9.20 22.37 -30.77
N VAL B 203 10.48 22.53 -31.10
CA VAL B 203 11.43 23.16 -30.19
C VAL B 203 11.89 24.47 -30.83
N SER B 204 11.72 25.59 -30.12
CA SER B 204 12.01 26.90 -30.65
C SER B 204 12.29 27.89 -29.54
N ASP B 205 12.63 29.14 -29.90
CA ASP B 205 12.82 30.17 -28.89
C ASP B 205 11.51 30.54 -28.16
N SER B 206 10.37 30.39 -28.84
CA SER B 206 9.07 30.62 -28.20
C SER B 206 8.57 29.39 -27.44
N SER B 207 9.04 28.20 -27.84
CA SER B 207 8.74 26.95 -27.11
C SER B 207 10.00 26.09 -26.82
N PRO B 208 10.80 26.50 -25.84
CA PRO B 208 12.03 25.75 -25.60
C PRO B 208 11.75 24.45 -24.84
N HIS B 209 12.77 23.61 -24.69
CA HIS B 209 12.56 22.35 -23.96
C HIS B 209 11.86 22.51 -22.60
N ILE B 210 12.28 23.48 -21.80
CA ILE B 210 11.73 23.60 -20.43
C ILE B 210 10.23 23.94 -20.46
N ALA B 211 9.83 24.77 -21.43
CA ALA B 211 8.39 25.01 -21.61
C ALA B 211 7.65 23.76 -22.06
N ASN B 212 8.22 23.01 -23.01
CA ASN B 212 7.55 21.82 -23.51
C ASN B 212 7.41 20.80 -22.36
N ILE B 213 8.48 20.66 -21.58
CA ILE B 213 8.47 19.68 -20.45
C ILE B 213 7.52 20.16 -19.35
N GLY B 214 7.57 21.47 -19.10
CA GLY B 214 6.69 22.10 -18.08
C GLY B 214 5.22 21.80 -18.33
N ARG B 215 4.79 22.01 -19.58
CA ARG B 215 3.40 21.73 -19.96
C ARG B 215 3.02 20.27 -19.81
N LEU B 216 3.91 19.34 -20.21
CA LEU B 216 3.64 17.91 -20.13
C LEU B 216 3.50 17.50 -18.68
N VAL B 217 4.42 18.00 -17.85
CA VAL B 217 4.42 17.71 -16.41
C VAL B 217 3.17 18.26 -15.76
N GLU B 218 2.85 19.52 -16.07
CA GLU B 218 1.65 20.14 -15.47
C GLU B 218 0.39 19.39 -15.86
N ASP B 219 0.25 19.06 -17.15
CA ASP B 219 -0.94 18.31 -17.64
C ASP B 219 -1.06 16.96 -16.93
N MET B 220 0.07 16.27 -16.81
CA MET B 220 0.06 14.95 -16.21
C MET B 220 -0.22 15.03 -14.72
N GLU B 221 0.41 15.95 -14.03
CA GLU B 221 0.19 16.05 -12.59
C GLU B 221 -1.24 16.47 -12.24
N ASN B 222 -1.80 17.41 -13.00
CA ASN B 222 -3.21 17.73 -12.82
C ASN B 222 -4.11 16.52 -13.01
N LYS B 223 -3.85 15.73 -14.07
CA LYS B 223 -4.64 14.54 -14.34
C LYS B 223 -4.49 13.55 -13.20
N ILE B 224 -3.25 13.29 -12.79
CA ILE B 224 -3.03 12.35 -11.67
C ILE B 224 -3.67 12.83 -10.35
N ARG B 225 -3.63 14.13 -10.07
CA ARG B 225 -4.27 14.65 -8.83
C ARG B 225 -5.77 14.26 -8.83
N SER B 226 -6.41 14.45 -9.98
CA SER B 226 -7.83 14.13 -10.11
CA SER B 226 -7.83 14.15 -10.10
C SER B 226 -8.10 12.64 -9.96
N THR B 227 -7.20 11.82 -10.51
CA THR B 227 -7.33 10.37 -10.38
C THR B 227 -7.11 9.94 -8.92
N LEU B 228 -6.09 10.51 -8.27
CA LEU B 228 -5.91 10.25 -6.82
C LEU B 228 -7.17 10.57 -6.03
N ASN B 229 -7.75 11.74 -6.30
CA ASN B 229 -8.98 12.13 -5.63
C ASN B 229 -10.07 11.06 -5.82
N GLU B 230 -10.28 10.63 -7.05
CA GLU B 230 -11.27 9.60 -7.39
C GLU B 230 -10.97 8.27 -6.67
N ILE B 231 -9.71 7.83 -6.74
CA ILE B 231 -9.38 6.50 -6.20
C ILE B 231 -9.35 6.50 -4.68
N TYR B 232 -8.70 7.50 -4.09
CA TYR B 232 -8.49 7.50 -2.63
C TYR B 232 -9.84 7.70 -1.93
N PHE B 233 -10.52 8.75 -2.31
CA PHE B 233 -11.68 9.22 -1.54
C PHE B 233 -12.99 8.76 -2.08
N GLY B 234 -12.95 8.20 -3.29
CA GLY B 234 -14.11 7.63 -3.97
C GLY B 234 -14.10 6.11 -3.96
N LYS B 235 -13.26 5.53 -4.81
CA LYS B 235 -13.19 4.09 -4.96
C LYS B 235 -12.91 3.32 -3.68
N THR B 236 -11.86 3.69 -2.94
CA THR B 236 -11.49 2.82 -1.79
C THR B 236 -12.62 2.89 -0.74
N LYS B 237 -13.21 4.07 -0.62
CA LYS B 237 -14.33 4.26 0.28
C LYS B 237 -15.55 3.45 -0.10
N ASP B 238 -15.88 3.40 -1.40
CA ASP B 238 -17.02 2.60 -1.87
C ASP B 238 -16.75 1.13 -1.61
N ILE B 239 -15.48 0.72 -1.69
CA ILE B 239 -15.14 -0.68 -1.49
C ILE B 239 -15.35 -1.04 -0.02
N VAL B 240 -14.82 -0.21 0.87
CA VAL B 240 -15.06 -0.41 2.32
C VAL B 240 -16.57 -0.59 2.56
N ASN B 241 -17.37 0.31 2.01
CA ASN B 241 -18.82 0.22 2.25
C ASN B 241 -19.52 -0.95 1.58
N GLY B 242 -18.87 -1.51 0.56
CA GLY B 242 -19.35 -2.71 -0.06
C GLY B 242 -19.05 -3.97 0.76
N LEU B 243 -18.15 -3.86 1.73
CA LEU B 243 -17.71 -5.01 2.52
C LEU B 243 -18.71 -5.22 3.65
N ARG B 244 -19.39 -4.17 4.02
CA ARG B 244 -20.35 -4.27 5.13
C ARG B 244 -21.61 -3.45 4.79
N ARG C 1 0.35 -10.22 -16.20
CA ARG C 1 -0.92 -9.43 -16.28
C ARG C 1 -0.75 -7.91 -16.15
N LEU C 2 -0.12 -7.42 -15.07
CA LEU C 2 0.06 -5.96 -14.90
C LEU C 2 1.17 -5.37 -15.79
N GLU C 3 0.94 -4.13 -16.26
CA GLU C 3 1.95 -3.41 -17.06
C GLU C 3 2.85 -2.64 -16.11
N HIS C 4 4.15 -2.67 -16.37
CA HIS C 4 5.09 -1.97 -15.51
C HIS C 4 5.74 -0.81 -16.27
N PHE C 5 5.11 0.35 -16.23
CA PHE C 5 5.62 1.53 -16.96
C PHE C 5 7.05 1.95 -16.61
N THR C 6 7.48 1.68 -15.38
CA THR C 6 8.78 2.20 -14.99
C THR C 6 9.90 1.41 -15.66
N LYS C 7 9.57 0.25 -16.23
CA LYS C 7 10.60 -0.55 -16.93
C LYS C 7 11.16 0.21 -18.11
N LEU C 8 10.36 1.08 -18.69
CA LEU C 8 10.76 1.75 -19.93
C LEU C 8 11.36 3.13 -19.72
N ARG C 9 11.49 3.55 -18.46
CA ARG C 9 12.15 4.83 -18.19
C ARG C 9 13.61 4.71 -18.59
N PRO C 10 14.19 5.78 -19.13
CA PRO C 10 15.59 5.75 -19.54
C PRO C 10 16.53 5.47 -18.35
N LYS C 11 17.47 4.54 -18.52
CA LYS C 11 18.48 4.24 -17.48
C LYS C 11 19.46 5.42 -17.35
N ARG C 12 19.87 5.71 -16.12
CA ARG C 12 20.97 6.62 -15.90
C ARG C 12 22.11 5.76 -15.39
N ASN C 13 23.23 5.84 -16.09
CA ASN C 13 24.44 5.08 -15.74
C ASN C 13 25.22 5.77 -14.63
N LYS C 14 25.53 5.01 -13.58
CA LYS C 14 26.32 5.49 -12.46
C LYS C 14 27.77 5.07 -12.64
N LYS C 15 28.68 5.80 -11.99
CA LYS C 15 30.11 5.44 -11.86
C LYS C 15 30.36 4.31 -10.88
N GLN C 16 29.66 4.37 -9.75
CA GLN C 16 29.78 3.37 -8.68
C GLN C 16 28.42 2.85 -8.25
N GLN C 17 28.31 1.54 -8.12
CA GLN C 17 27.13 0.93 -7.53
C GLN C 17 27.15 1.16 -6.01
N PRO C 18 25.99 0.96 -5.33
CA PRO C 18 25.95 1.16 -3.88
C PRO C 18 26.89 0.17 -3.18
N THR C 19 27.46 0.57 -2.04
CA THR C 19 28.46 -0.26 -1.35
C THR C 19 27.93 -0.96 -0.09
C CO3 D . -2.23 -2.38 -15.07
O1 CO3 D . -3.16 -2.04 -14.22
O2 CO3 D . -0.96 -2.26 -14.82
O3 CO3 D . -2.56 -2.85 -16.20
#